data_3AQ1
#
_entry.id   3AQ1
#
_cell.length_a   63.564
_cell.length_b   115.256
_cell.length_c   193.864
_cell.angle_alpha   90.00
_cell.angle_beta   90.00
_cell.angle_gamma   90.00
#
_symmetry.space_group_name_H-M   'I 2 2 2'
#
loop_
_entity.id
_entity.type
_entity.pdbx_description
1 polymer 'Thermosome subunit'
2 water water
#
_entity_poly.entity_id   1
_entity_poly.type   'polypeptide(L)'
_entity_poly.pdbx_seq_one_letter_code
;MLVDSMGDIVITNDGATILKEMDIQHPAAKMIVEVSKTQDAEVGDGTTTAAVLSGELLSKAEELIMKGVHSTIISEGYRH
AAEKCREILETITIAISPDDEAALIKIAGTAITGKGAEAYKEKLSALTVKAVRSIVEEEEDGLKVNVLENIKIEKRAGGS
IDDSELIDGLVIDKERSHPNMPEKVENAKILLLSCPVEFRKTEVDSEIKITSPGQMQLFLDQEEKMMREMAEKVIASGAN
VVFCQKGIDDMAQYYIEKAGIYAVRRVKKSDLKRLSKVTGATIIQDLDQITTEDVGTAGLVEEKEVRGGKMTYVTGCQNS
KAVTVLLHGGTEHVVDSLDHALNDALHVVGVVIEDGKVVVGGGSSEVELSLRLSEYASTLKGREQLAVSKFAEALEVIPV
ALAENAGLDPIDIMVELRSQHEKGNKNAGLNVYTGEVVDMWENDVIEPLRIKTQAINAAMEATVMILRIDDVVASKGSAN
QGMGPGGLPDMPDLDMDAAY
;
_entity_poly.pdbx_strand_id   B
#
# COMPACT_ATOMS: atom_id res chain seq x y z
N VAL A 43 12.04 -12.51 0.32
CA VAL A 43 11.89 -12.59 -1.14
C VAL A 43 10.42 -12.52 -1.53
N GLY A 44 10.00 -11.42 -2.13
CA GLY A 44 8.61 -11.26 -2.55
C GLY A 44 8.03 -12.46 -3.29
N ASP A 45 6.74 -12.73 -3.07
CA ASP A 45 6.08 -13.84 -3.75
C ASP A 45 5.91 -13.57 -5.24
N GLY A 46 6.03 -12.29 -5.62
CA GLY A 46 6.05 -11.89 -7.02
C GLY A 46 7.39 -12.23 -7.63
N THR A 47 8.46 -11.83 -6.97
CA THR A 47 9.80 -12.23 -7.36
C THR A 47 9.92 -13.75 -7.51
N THR A 48 9.40 -14.48 -6.53
CA THR A 48 9.51 -15.93 -6.51
C THR A 48 8.78 -16.54 -7.69
N THR A 49 7.53 -16.15 -7.85
CA THR A 49 6.72 -16.58 -8.99
C THR A 49 7.39 -16.25 -10.32
N ALA A 50 7.98 -15.07 -10.46
CA ALA A 50 8.56 -14.69 -11.74
C ALA A 50 9.81 -15.52 -12.04
N ALA A 51 10.68 -15.65 -11.05
CA ALA A 51 11.88 -16.46 -11.18
C ALA A 51 11.60 -17.90 -11.58
N VAL A 52 10.70 -18.55 -10.86
CA VAL A 52 10.39 -19.95 -11.14
C VAL A 52 9.78 -20.07 -12.53
N LEU A 53 8.92 -19.13 -12.89
CA LEU A 53 8.21 -19.25 -14.15
C LEU A 53 9.16 -18.92 -15.30
N SER A 54 10.05 -17.98 -15.06
CA SER A 54 11.09 -17.62 -16.01
C SER A 54 12.05 -18.78 -16.35
N GLY A 55 12.57 -19.46 -15.33
CA GLY A 55 13.36 -20.67 -15.53
C GLY A 55 12.66 -21.70 -16.39
N GLU A 56 11.40 -21.94 -16.08
CA GLU A 56 10.58 -22.89 -16.80
C GLU A 56 10.40 -22.50 -18.25
N LEU A 57 10.15 -21.21 -18.49
CA LEU A 57 9.96 -20.73 -19.84
C LEU A 57 11.23 -20.90 -20.64
N LEU A 58 12.36 -20.57 -20.01
CA LEU A 58 13.67 -20.69 -20.66
C LEU A 58 13.95 -22.11 -21.07
N SER A 59 13.92 -23.01 -20.11
CA SER A 59 14.27 -24.40 -20.39
C SER A 59 13.36 -24.94 -21.48
N LYS A 60 12.08 -24.61 -21.43
CA LYS A 60 11.18 -25.04 -22.48
C LYS A 60 11.54 -24.40 -23.82
N ALA A 61 12.09 -23.20 -23.80
CA ALA A 61 12.54 -22.58 -25.05
C ALA A 61 13.79 -23.28 -25.59
N GLU A 62 14.68 -23.68 -24.69
CA GLU A 62 15.90 -24.35 -25.11
C GLU A 62 15.57 -25.73 -25.68
N GLU A 63 14.53 -26.36 -25.13
CA GLU A 63 13.98 -27.56 -25.75
C GLU A 63 13.50 -27.27 -27.17
N LEU A 64 12.55 -26.33 -27.31
CA LEU A 64 11.99 -25.97 -28.61
C LEU A 64 13.02 -25.52 -29.65
N ILE A 65 14.21 -25.18 -29.21
CA ILE A 65 15.27 -24.78 -30.14
C ILE A 65 16.02 -26.03 -30.62
N MET A 66 16.38 -26.90 -29.68
CA MET A 66 17.00 -28.17 -30.02
C MET A 66 16.04 -29.07 -30.81
N LYS A 67 14.88 -28.52 -31.20
CA LYS A 67 13.90 -29.23 -32.02
C LYS A 67 13.64 -28.50 -33.34
N GLY A 68 14.31 -27.37 -33.55
CA GLY A 68 14.21 -26.66 -34.82
C GLY A 68 13.53 -25.31 -34.86
N VAL A 69 12.64 -25.04 -33.90
CA VAL A 69 11.89 -23.78 -33.88
C VAL A 69 12.82 -22.59 -33.70
N HIS A 70 12.74 -21.61 -34.62
CA HIS A 70 13.58 -20.41 -34.52
C HIS A 70 13.34 -19.60 -33.23
N SER A 71 14.44 -19.16 -32.63
CA SER A 71 14.43 -18.47 -31.36
C SER A 71 13.54 -17.22 -31.31
N THR A 72 13.36 -16.57 -32.44
CA THR A 72 12.62 -15.32 -32.48
C THR A 72 11.11 -15.53 -32.51
N ILE A 73 10.70 -16.66 -33.07
CA ILE A 73 9.29 -17.08 -33.09
C ILE A 73 8.80 -17.40 -31.69
N ILE A 74 9.64 -18.10 -30.91
CA ILE A 74 9.34 -18.42 -29.52
C ILE A 74 9.07 -17.16 -28.72
N SER A 75 9.91 -16.14 -28.89
CA SER A 75 9.74 -14.86 -28.20
C SER A 75 8.38 -14.23 -28.46
N GLU A 76 7.96 -14.15 -29.72
CA GLU A 76 6.66 -13.57 -30.03
C GLU A 76 5.52 -14.43 -29.51
N GLY A 77 5.67 -15.75 -29.63
CA GLY A 77 4.71 -16.68 -29.06
C GLY A 77 4.52 -16.46 -27.56
N TYR A 78 5.63 -16.38 -26.83
CA TYR A 78 5.60 -16.11 -25.40
C TYR A 78 4.94 -14.77 -25.10
N ARG A 79 5.36 -13.72 -25.81
CA ARG A 79 4.84 -12.39 -25.56
C ARG A 79 3.34 -12.32 -25.85
N HIS A 80 2.91 -13.10 -26.84
CA HIS A 80 1.49 -13.22 -27.15
C HIS A 80 0.82 -14.01 -26.02
N ALA A 81 1.54 -15.01 -25.51
CA ALA A 81 1.03 -15.79 -24.39
C ALA A 81 0.77 -14.90 -23.19
N ALA A 82 1.77 -14.13 -22.78
CA ALA A 82 1.63 -13.25 -21.62
C ALA A 82 0.45 -12.32 -21.77
N GLU A 83 0.24 -11.80 -22.96
CA GLU A 83 -0.85 -10.88 -23.21
C GLU A 83 -2.20 -11.60 -23.16
N LYS A 84 -2.22 -12.82 -23.66
CA LYS A 84 -3.42 -13.65 -23.57
C LYS A 84 -3.75 -14.06 -22.12
N CYS A 85 -2.75 -14.07 -21.24
CA CYS A 85 -3.00 -14.37 -19.83
C CYS A 85 -3.70 -13.20 -19.15
N ARG A 86 -3.34 -11.99 -19.58
CA ARG A 86 -3.92 -10.78 -19.03
C ARG A 86 -5.42 -10.75 -19.30
N GLU A 87 -5.82 -11.15 -20.51
CA GLU A 87 -7.22 -11.24 -20.88
C GLU A 87 -7.94 -12.30 -20.07
N ILE A 88 -7.33 -13.49 -20.00
CA ILE A 88 -7.92 -14.58 -19.25
C ILE A 88 -8.08 -14.24 -17.77
N LEU A 89 -7.12 -13.52 -17.20
CA LEU A 89 -7.21 -13.13 -15.80
C LEU A 89 -8.40 -12.22 -15.55
N GLU A 90 -8.54 -11.17 -16.35
CA GLU A 90 -9.64 -10.21 -16.18
C GLU A 90 -10.98 -10.92 -16.22
N THR A 91 -10.98 -12.11 -16.80
CA THR A 91 -12.18 -12.92 -16.92
C THR A 91 -12.43 -13.81 -15.69
N ILE A 92 -11.36 -14.23 -15.01
CA ILE A 92 -11.51 -15.15 -13.88
C ILE A 92 -11.25 -14.52 -12.50
N THR A 93 -11.07 -13.21 -12.47
CA THR A 93 -10.84 -12.50 -11.22
C THR A 93 -12.15 -12.24 -10.50
N ILE A 94 -12.04 -11.97 -9.19
CA ILE A 94 -13.18 -11.64 -8.36
C ILE A 94 -13.20 -10.14 -8.18
N ALA A 95 -14.33 -9.51 -8.43
CA ALA A 95 -14.45 -8.05 -8.39
C ALA A 95 -14.65 -7.53 -6.98
N ILE A 96 -13.93 -6.47 -6.66
CA ILE A 96 -13.99 -5.87 -5.34
C ILE A 96 -14.26 -4.38 -5.47
N SER A 97 -15.40 -3.94 -4.93
CA SER A 97 -15.77 -2.54 -4.94
C SER A 97 -15.42 -1.92 -3.59
N PRO A 98 -15.12 -0.62 -3.58
CA PRO A 98 -14.89 0.11 -2.32
C PRO A 98 -16.10 -0.03 -1.44
N ASP A 99 -17.14 -0.64 -1.98
CA ASP A 99 -18.41 -0.80 -1.27
C ASP A 99 -18.59 -2.17 -0.68
N ASP A 100 -18.00 -3.18 -1.33
CA ASP A 100 -18.12 -4.56 -0.87
C ASP A 100 -17.35 -4.73 0.44
N GLU A 101 -17.98 -4.34 1.54
CA GLU A 101 -17.30 -4.19 2.82
C GLU A 101 -16.88 -5.52 3.45
N ALA A 102 -17.79 -6.49 3.47
CA ALA A 102 -17.45 -7.78 4.04
C ALA A 102 -16.22 -8.38 3.38
N ALA A 103 -16.08 -8.14 2.08
CA ALA A 103 -14.98 -8.69 1.31
C ALA A 103 -13.70 -7.90 1.55
N LEU A 104 -13.85 -6.58 1.69
CA LEU A 104 -12.73 -5.72 2.06
C LEU A 104 -12.18 -6.10 3.43
N ILE A 105 -13.09 -6.36 4.37
CA ILE A 105 -12.71 -6.82 5.69
C ILE A 105 -12.05 -8.19 5.66
N LYS A 106 -12.52 -9.04 4.75
CA LYS A 106 -11.90 -10.35 4.53
C LYS A 106 -10.50 -10.18 3.93
N ILE A 107 -10.38 -9.29 2.94
CA ILE A 107 -9.09 -8.99 2.32
C ILE A 107 -8.08 -8.48 3.36
N ALA A 108 -8.44 -7.42 4.08
CA ALA A 108 -7.59 -6.88 5.14
C ALA A 108 -7.18 -7.94 6.16
N GLY A 109 -8.12 -8.82 6.52
CA GLY A 109 -7.81 -9.94 7.39
C GLY A 109 -6.56 -10.71 7.00
N THR A 110 -6.35 -10.89 5.70
CA THR A 110 -5.23 -11.70 5.23
C THR A 110 -3.87 -11.14 5.62
N ALA A 111 -3.80 -9.83 5.89
CA ALA A 111 -2.51 -9.19 6.20
C ALA A 111 -2.21 -9.17 7.71
N ILE A 112 -3.15 -9.71 8.48
CA ILE A 112 -3.12 -9.60 9.92
C ILE A 112 -3.07 -11.00 10.53
N THR A 113 -1.86 -11.47 10.80
CA THR A 113 -1.69 -12.86 11.24
C THR A 113 -0.46 -13.07 12.11
N GLY A 114 -0.33 -14.26 12.65
CA GLY A 114 0.79 -14.57 13.53
C GLY A 114 0.40 -14.65 14.99
N LYS A 115 1.41 -14.59 15.86
CA LYS A 115 1.17 -14.70 17.29
C LYS A 115 0.21 -13.61 17.74
N GLY A 116 -0.83 -14.02 18.46
CA GLY A 116 -1.75 -13.07 19.07
C GLY A 116 -2.75 -12.48 18.10
N ALA A 117 -2.25 -11.86 17.05
CA ALA A 117 -3.12 -11.27 16.04
C ALA A 117 -4.22 -12.27 15.72
N GLU A 118 -5.39 -12.05 16.31
CA GLU A 118 -6.44 -13.04 16.33
C GLU A 118 -7.40 -12.62 17.42
N ALA A 119 -6.80 -12.13 18.50
CA ALA A 119 -7.53 -11.42 19.50
C ALA A 119 -7.88 -10.04 18.94
N TYR A 120 -7.20 -9.69 17.84
CA TYR A 120 -7.25 -8.37 17.23
C TYR A 120 -7.73 -8.41 15.77
N LYS A 121 -7.87 -9.59 15.20
CA LYS A 121 -8.10 -9.71 13.76
C LYS A 121 -9.39 -9.02 13.26
N GLU A 122 -10.52 -9.29 13.91
CA GLU A 122 -11.77 -8.65 13.51
C GLU A 122 -11.71 -7.13 13.59
N LYS A 123 -11.30 -6.61 14.74
CA LYS A 123 -11.31 -5.16 15.00
C LYS A 123 -10.30 -4.39 14.17
N LEU A 124 -9.10 -4.95 13.98
CA LEU A 124 -8.12 -4.27 13.15
C LEU A 124 -8.54 -4.25 11.67
N SER A 125 -9.29 -5.25 11.26
CA SER A 125 -9.79 -5.31 9.89
C SER A 125 -10.80 -4.20 9.63
N ALA A 126 -11.72 -4.06 10.58
CA ALA A 126 -12.71 -3.00 10.54
C ALA A 126 -12.05 -1.63 10.47
N LEU A 127 -11.01 -1.45 11.27
CA LEU A 127 -10.32 -0.19 11.33
C LEU A 127 -9.63 0.09 10.00
N THR A 128 -8.94 -0.92 9.47
CA THR A 128 -8.31 -0.80 8.16
C THR A 128 -9.28 -0.34 7.07
N VAL A 129 -10.44 -0.98 7.01
CA VAL A 129 -11.41 -0.75 5.95
C VAL A 129 -12.04 0.66 6.06
N LYS A 130 -12.30 1.08 7.28
CA LYS A 130 -12.89 2.38 7.55
C LYS A 130 -11.92 3.53 7.21
N ALA A 131 -10.63 3.30 7.41
CA ALA A 131 -9.59 4.27 7.11
C ALA A 131 -9.39 4.36 5.61
N VAL A 132 -9.16 3.21 4.97
CA VAL A 132 -8.97 3.15 3.54
C VAL A 132 -10.16 3.73 2.81
N ARG A 133 -11.36 3.25 3.12
CA ARG A 133 -12.58 3.74 2.49
C ARG A 133 -12.72 5.25 2.55
N SER A 134 -12.00 5.89 3.46
CA SER A 134 -12.22 7.31 3.70
C SER A 134 -11.18 8.19 3.02
N ILE A 135 -10.21 7.57 2.36
CA ILE A 135 -9.26 8.29 1.54
C ILE A 135 -9.32 7.86 0.07
N VAL A 136 -10.35 7.11 -0.30
CA VAL A 136 -10.55 6.72 -1.70
C VAL A 136 -10.85 7.90 -2.61
N GLU A 137 -10.00 8.09 -3.63
CA GLU A 137 -10.18 9.19 -4.58
C GLU A 137 -10.76 8.70 -5.89
N GLU A 138 -11.65 9.49 -6.48
CA GLU A 138 -12.22 9.14 -7.78
C GLU A 138 -11.31 9.69 -8.88
N GLU A 139 -11.33 9.04 -10.03
CA GLU A 139 -10.52 9.49 -11.16
C GLU A 139 -11.03 8.96 -12.49
N GLU A 140 -10.39 9.40 -13.57
CA GLU A 140 -10.49 8.72 -14.85
C GLU A 140 -9.45 7.62 -14.79
N ASP A 141 -9.64 6.59 -15.61
CA ASP A 141 -8.78 5.42 -15.56
C ASP A 141 -9.18 4.54 -14.37
N GLY A 142 -9.64 5.16 -13.29
CA GLY A 142 -10.18 4.44 -12.16
C GLY A 142 -9.94 5.04 -10.79
N LEU A 143 -10.25 4.26 -9.75
CA LEU A 143 -10.06 4.65 -8.36
C LEU A 143 -8.60 4.69 -7.89
N LYS A 144 -8.30 5.65 -7.02
CA LYS A 144 -6.96 5.80 -6.46
C LYS A 144 -7.01 5.80 -4.92
N VAL A 145 -6.15 5.00 -4.29
CA VAL A 145 -6.01 4.98 -2.84
C VAL A 145 -4.58 5.27 -2.38
N ASN A 146 -4.29 6.53 -2.03
CA ASN A 146 -2.93 6.90 -1.64
C ASN A 146 -2.65 6.73 -0.15
N VAL A 147 -2.26 5.52 0.24
CA VAL A 147 -2.01 5.22 1.64
C VAL A 147 -0.76 5.91 2.22
N LEU A 148 0.33 5.96 1.47
CA LEU A 148 1.56 6.59 1.95
C LEU A 148 1.38 8.03 2.45
N GLU A 149 0.63 8.83 1.70
CA GLU A 149 0.48 10.26 1.98
C GLU A 149 -0.83 10.62 2.72
N ASN A 150 -1.88 9.89 2.43
CA ASN A 150 -3.18 10.18 3.00
C ASN A 150 -3.50 9.49 4.33
N ILE A 151 -2.68 8.53 4.75
CA ILE A 151 -2.86 7.97 6.08
C ILE A 151 -1.60 8.05 6.94
N LYS A 152 -1.74 8.64 8.11
CA LYS A 152 -0.67 8.64 9.08
C LYS A 152 -1.11 7.83 10.30
N ILE A 153 -0.26 6.93 10.76
CA ILE A 153 -0.57 6.20 11.98
C ILE A 153 0.23 6.76 13.11
N GLU A 154 -0.46 7.14 14.17
CA GLU A 154 0.16 7.70 15.37
C GLU A 154 -0.28 6.78 16.50
N LYS A 155 0.68 6.07 17.09
CA LYS A 155 0.30 5.06 18.06
C LYS A 155 0.18 5.60 19.47
N ARG A 156 -0.99 5.41 20.06
CA ARG A 156 -1.26 5.82 21.42
C ARG A 156 -1.35 4.59 22.36
N ALA A 157 -0.31 4.34 23.13
CA ALA A 157 -0.32 3.21 24.03
C ALA A 157 -1.41 3.37 25.09
N GLY A 158 -2.14 2.29 25.37
CA GLY A 158 -3.18 2.31 26.39
C GLY A 158 -4.59 2.18 25.86
N GLY A 159 -5.44 1.45 26.59
CA GLY A 159 -6.82 1.23 26.20
C GLY A 159 -7.02 0.04 25.29
N SER A 160 -8.08 0.09 24.49
CA SER A 160 -8.44 -0.98 23.58
C SER A 160 -8.32 -0.49 22.13
N ILE A 161 -8.17 -1.41 21.19
CA ILE A 161 -8.15 -1.03 19.80
C ILE A 161 -9.46 -0.34 19.43
N ASP A 162 -10.48 -0.53 20.26
CA ASP A 162 -11.79 0.06 20.04
C ASP A 162 -11.79 1.58 20.30
N ASP A 163 -10.82 2.03 21.08
CA ASP A 163 -10.68 3.44 21.38
C ASP A 163 -9.86 4.13 20.29
N SER A 164 -9.52 3.40 19.24
CA SER A 164 -8.80 4.04 18.14
C SER A 164 -9.67 5.09 17.44
N GLU A 165 -9.06 6.20 17.03
CA GLU A 165 -9.82 7.26 16.40
C GLU A 165 -9.41 7.49 14.96
N LEU A 166 -10.37 7.94 14.16
CA LEU A 166 -10.08 8.39 12.81
C LEU A 166 -10.23 9.91 12.78
N ILE A 167 -9.11 10.61 12.84
CA ILE A 167 -9.12 12.06 12.80
C ILE A 167 -9.08 12.56 11.37
N ASP A 168 -9.98 13.48 11.04
CA ASP A 168 -10.07 14.03 9.69
C ASP A 168 -9.16 15.21 9.54
N GLY A 169 -7.89 14.93 9.42
CA GLY A 169 -6.84 15.93 9.33
C GLY A 169 -5.49 15.27 9.57
N LEU A 170 -4.69 15.89 10.43
CA LEU A 170 -3.32 15.46 10.69
C LEU A 170 -2.98 15.75 12.14
N VAL A 171 -2.53 14.74 12.89
CA VAL A 171 -2.16 14.90 14.29
C VAL A 171 -0.64 14.82 14.51
N ILE A 172 -0.06 15.80 15.20
CA ILE A 172 1.39 15.89 15.40
C ILE A 172 1.66 15.78 16.88
N ASP A 173 2.49 14.83 17.27
CA ASP A 173 2.84 14.68 18.68
C ASP A 173 3.84 15.76 19.12
N LYS A 174 3.36 17.00 19.18
CA LYS A 174 4.18 18.15 19.57
C LYS A 174 3.26 19.17 20.22
N GLU A 175 3.79 19.95 21.15
CA GLU A 175 2.96 20.95 21.79
C GLU A 175 3.43 22.36 21.48
N ARG A 176 2.71 23.37 21.96
CA ARG A 176 3.10 24.75 21.74
C ARG A 176 4.45 24.97 22.37
N SER A 177 5.33 25.72 21.70
CA SER A 177 6.68 25.95 22.22
C SER A 177 6.69 26.88 23.43
N HIS A 178 5.69 27.77 23.47
CA HIS A 178 5.56 28.75 24.55
C HIS A 178 4.12 28.66 25.07
N PRO A 179 3.97 28.66 26.40
CA PRO A 179 2.67 28.41 27.03
C PRO A 179 1.68 29.56 26.85
N ASN A 180 2.17 30.73 26.48
CA ASN A 180 1.24 31.84 26.28
C ASN A 180 0.71 31.94 24.86
N MET A 181 1.12 31.01 23.99
CA MET A 181 0.58 30.95 22.64
C MET A 181 -0.86 30.49 22.70
N PRO A 182 -1.69 30.91 21.75
CA PRO A 182 -3.11 30.56 21.77
C PRO A 182 -3.39 29.06 21.67
N GLU A 183 -4.42 28.58 22.35
CA GLU A 183 -4.71 27.15 22.35
C GLU A 183 -5.33 26.65 21.07
N LYS A 184 -6.23 27.45 20.51
CA LYS A 184 -6.87 27.13 19.26
C LYS A 184 -6.50 28.23 18.29
N VAL A 185 -6.58 27.93 16.99
CA VAL A 185 -6.51 28.94 15.97
C VAL A 185 -7.44 28.58 14.85
N GLU A 186 -8.47 29.41 14.64
CA GLU A 186 -9.39 29.20 13.52
C GLU A 186 -8.83 29.87 12.28
N ASN A 187 -9.18 29.33 11.12
CA ASN A 187 -8.61 29.81 9.87
C ASN A 187 -7.14 30.01 10.05
N ALA A 188 -6.43 28.91 10.26
CA ALA A 188 -5.00 28.96 10.45
C ALA A 188 -4.34 29.30 9.13
N LYS A 189 -3.27 30.10 9.21
CA LYS A 189 -2.44 30.36 8.05
C LYS A 189 -1.08 29.84 8.43
N ILE A 190 -0.63 28.82 7.74
CA ILE A 190 0.47 27.99 8.24
C ILE A 190 1.77 28.21 7.49
N LEU A 191 2.82 28.43 8.27
CA LEU A 191 4.17 28.59 7.72
C LEU A 191 5.03 27.38 8.12
N LEU A 192 5.68 26.74 7.16
CA LEU A 192 6.58 25.61 7.47
C LEU A 192 8.04 26.05 7.32
N LEU A 193 8.83 25.86 8.38
CA LEU A 193 10.25 26.19 8.34
C LEU A 193 11.10 24.94 8.54
N SER A 194 12.02 24.70 7.62
CA SER A 194 13.02 23.64 7.81
C SER A 194 14.27 24.27 8.40
N CYS A 195 14.35 25.60 8.34
CA CYS A 195 15.46 26.30 8.95
C CYS A 195 15.15 26.65 10.40
N PRO A 196 16.20 26.80 11.22
CA PRO A 196 16.03 27.21 12.61
C PRO A 196 15.68 28.67 12.69
N VAL A 197 14.96 29.06 13.73
CA VAL A 197 14.78 30.48 14.04
C VAL A 197 15.61 30.82 15.27
N GLU A 198 16.92 30.73 15.13
CA GLU A 198 17.82 31.06 16.24
C GLU A 198 19.19 31.41 15.70
N PHE A 199 20.05 31.90 16.58
CA PHE A 199 21.42 32.19 16.23
C PHE A 199 22.04 30.98 15.53
N LYS A 225 19.14 42.35 20.38
CA LYS A 225 18.05 42.74 19.50
C LYS A 225 18.14 42.01 18.15
N MET A 226 19.24 41.28 17.95
CA MET A 226 19.42 40.44 16.77
C MET A 226 18.17 39.63 16.49
N MET A 227 17.51 39.25 17.57
CA MET A 227 16.45 38.26 17.51
C MET A 227 15.10 38.91 17.22
N ARG A 228 15.01 40.22 17.38
CA ARG A 228 13.80 40.94 16.99
C ARG A 228 13.60 40.81 15.48
N GLU A 229 14.65 41.15 14.74
CA GLU A 229 14.62 41.02 13.28
C GLU A 229 14.40 39.58 12.77
N MET A 230 14.93 38.60 13.49
CA MET A 230 14.69 37.21 13.12
C MET A 230 13.20 36.90 13.29
N ALA A 231 12.70 37.14 14.50
CA ALA A 231 11.29 36.89 14.77
C ALA A 231 10.38 37.70 13.84
N GLU A 232 10.74 38.95 13.58
CA GLU A 232 9.88 39.82 12.77
C GLU A 232 9.67 39.28 11.34
N LYS A 233 10.68 38.61 10.79
CA LYS A 233 10.52 38.01 9.47
C LYS A 233 9.48 36.88 9.48
N VAL A 234 9.38 36.15 10.60
CA VAL A 234 8.33 35.16 10.74
C VAL A 234 6.99 35.85 10.95
N ILE A 235 6.96 36.84 11.83
CA ILE A 235 5.71 37.53 12.14
C ILE A 235 5.12 38.18 10.88
N ALA A 236 5.99 38.75 10.05
CA ALA A 236 5.60 39.44 8.83
C ALA A 236 5.07 38.55 7.70
N SER A 237 5.11 37.24 7.89
CA SER A 237 4.62 36.33 6.85
C SER A 237 3.11 36.36 6.76
N GLY A 238 2.47 36.83 7.82
CA GLY A 238 1.01 36.79 7.93
C GLY A 238 0.50 35.55 8.64
N ALA A 239 1.40 34.60 8.82
CA ALA A 239 1.07 33.28 9.37
C ALA A 239 0.52 33.30 10.80
N ASN A 240 -0.53 32.51 10.99
CA ASN A 240 -1.15 32.20 12.29
C ASN A 240 -0.37 31.16 13.11
N VAL A 241 0.30 30.28 12.38
CA VAL A 241 0.81 29.04 12.91
C VAL A 241 2.13 28.77 12.23
N VAL A 242 3.13 28.47 13.05
CA VAL A 242 4.45 28.17 12.52
C VAL A 242 4.90 26.80 13.03
N PHE A 243 5.22 25.90 12.10
CA PHE A 243 5.89 24.65 12.44
C PHE A 243 7.35 24.75 12.03
N CYS A 244 8.25 24.60 12.97
CA CYS A 244 9.67 24.69 12.66
C CYS A 244 10.34 23.33 12.86
N GLN A 245 11.13 22.91 11.89
CA GLN A 245 11.77 21.63 11.98
C GLN A 245 12.86 21.66 13.04
N LYS A 246 13.40 22.85 13.29
CA LYS A 246 14.51 22.96 14.24
C LYS A 246 14.16 23.86 15.41
N GLY A 247 15.19 24.43 16.04
CA GLY A 247 14.97 25.28 17.19
C GLY A 247 14.35 26.64 16.90
N ILE A 248 13.64 27.16 17.91
CA ILE A 248 13.21 28.54 17.90
C ILE A 248 13.73 29.18 19.18
N ASP A 249 14.74 30.04 19.02
CA ASP A 249 15.29 30.80 20.13
C ASP A 249 14.22 31.30 21.09
N ASP A 250 14.58 31.41 22.36
CA ASP A 250 13.63 31.81 23.40
C ASP A 250 13.04 33.19 23.20
N MET A 251 13.90 34.14 22.89
CA MET A 251 13.49 35.52 22.70
C MET A 251 12.61 35.64 21.47
N ALA A 252 13.01 34.98 20.38
CA ALA A 252 12.16 34.89 19.21
C ALA A 252 10.80 34.25 19.53
N GLN A 253 10.77 33.35 20.51
CA GLN A 253 9.49 32.77 20.89
C GLN A 253 8.62 33.79 21.59
N TYR A 254 9.26 34.69 22.32
CA TYR A 254 8.53 35.73 23.05
C TYR A 254 7.81 36.71 22.10
N TYR A 255 8.52 37.18 21.10
CA TYR A 255 7.97 38.06 20.06
C TYR A 255 6.87 37.37 19.25
N ILE A 256 7.14 36.13 18.87
CA ILE A 256 6.19 35.35 18.09
C ILE A 256 4.96 35.13 18.95
N GLU A 257 5.19 34.80 20.20
CA GLU A 257 4.12 34.60 21.16
C GLU A 257 3.30 35.87 21.34
N LYS A 258 3.98 36.99 21.50
CA LYS A 258 3.27 38.26 21.68
C LYS A 258 2.44 38.63 20.46
N ALA A 259 2.88 38.22 19.27
CA ALA A 259 2.09 38.44 18.06
C ALA A 259 0.85 37.51 17.90
N GLY A 260 0.61 36.64 18.88
CA GLY A 260 -0.54 35.75 18.83
C GLY A 260 -0.35 34.49 17.98
N ILE A 261 0.92 34.11 17.80
CA ILE A 261 1.26 33.00 16.92
C ILE A 261 1.50 31.63 17.61
N TYR A 262 0.76 30.64 17.13
CA TYR A 262 0.91 29.26 17.56
C TYR A 262 2.15 28.65 16.88
N ALA A 263 3.23 28.46 17.65
CA ALA A 263 4.45 27.89 17.08
C ALA A 263 4.87 26.59 17.76
N VAL A 264 5.37 25.64 16.98
CA VAL A 264 5.95 24.45 17.58
C VAL A 264 7.39 24.32 17.07
N ARG A 265 8.29 23.91 17.94
CA ARG A 265 9.68 23.71 17.58
C ARG A 265 10.00 22.23 17.39
N ARG A 266 11.15 21.94 16.79
CA ARG A 266 11.66 20.58 16.59
C ARG A 266 10.62 19.57 16.08
N VAL A 267 10.13 19.81 14.87
CA VAL A 267 9.10 19.00 14.28
C VAL A 267 9.74 18.04 13.35
N LYS A 268 9.32 16.77 13.42
CA LYS A 268 9.91 15.73 12.59
C LYS A 268 9.75 16.10 11.12
N LYS A 269 10.86 16.07 10.39
CA LYS A 269 10.88 16.27 8.94
C LYS A 269 9.72 15.59 8.19
N SER A 270 9.26 14.44 8.66
CA SER A 270 8.22 13.73 7.93
C SER A 270 6.85 14.32 8.23
N ASP A 271 6.71 14.86 9.44
CA ASP A 271 5.52 15.60 9.83
C ASP A 271 5.45 16.91 9.03
N LEU A 272 6.61 17.51 8.79
CA LEU A 272 6.70 18.70 7.96
C LEU A 272 6.29 18.38 6.52
N LYS A 273 6.69 17.22 6.02
CA LYS A 273 6.30 16.79 4.67
C LYS A 273 4.80 16.66 4.61
N ARG A 274 4.24 16.02 5.62
CA ARG A 274 2.80 15.83 5.67
C ARG A 274 2.06 17.18 5.77
N LEU A 275 2.54 18.08 6.62
CA LEU A 275 1.94 19.41 6.73
C LEU A 275 1.92 20.10 5.37
N SER A 276 3.02 19.98 4.63
CA SER A 276 3.11 20.59 3.32
C SER A 276 2.01 20.09 2.38
N LYS A 277 1.79 18.78 2.36
CA LYS A 277 0.81 18.22 1.43
C LYS A 277 -0.64 18.53 1.80
N VAL A 278 -1.01 18.32 3.07
CA VAL A 278 -2.38 18.62 3.49
C VAL A 278 -2.74 20.11 3.58
N THR A 279 -1.78 20.98 3.88
CA THR A 279 -2.09 22.41 4.05
C THR A 279 -1.76 23.28 2.86
N GLY A 280 -0.88 22.82 1.98
CA GLY A 280 -0.48 23.61 0.82
C GLY A 280 0.70 24.52 1.10
N ALA A 281 1.21 24.46 2.32
CA ALA A 281 2.35 25.26 2.70
C ALA A 281 3.58 24.84 1.93
N THR A 282 4.47 25.80 1.67
CA THR A 282 5.74 25.51 1.05
C THR A 282 6.85 25.60 2.09
N ILE A 283 7.52 24.49 2.31
CA ILE A 283 8.60 24.42 3.29
C ILE A 283 9.69 25.42 2.93
N ILE A 284 10.08 26.23 3.89
CA ILE A 284 10.98 27.35 3.64
C ILE A 284 12.33 27.11 4.27
N GLN A 285 13.39 27.39 3.50
CA GLN A 285 14.76 27.17 3.99
C GLN A 285 15.46 28.47 4.32
N ASP A 286 15.03 29.55 3.69
CA ASP A 286 15.64 30.86 3.90
C ASP A 286 14.55 31.77 4.46
N LEU A 287 14.77 32.29 5.66
CA LEU A 287 13.81 33.22 6.27
C LEU A 287 13.67 34.50 5.46
N ASP A 288 14.63 34.77 4.59
CA ASP A 288 14.64 36.02 3.84
C ASP A 288 13.78 35.94 2.59
N GLN A 289 13.32 34.73 2.30
CA GLN A 289 12.55 34.50 1.08
C GLN A 289 11.22 33.83 1.36
N ILE A 290 10.39 34.50 2.16
CA ILE A 290 9.07 34.01 2.47
C ILE A 290 8.04 34.76 1.64
N THR A 291 7.23 34.02 0.89
CA THR A 291 6.20 34.62 0.04
C THR A 291 4.86 34.49 0.71
N THR A 292 3.84 35.12 0.14
CA THR A 292 2.50 34.93 0.63
C THR A 292 1.98 33.56 0.14
N GLU A 293 2.42 33.16 -1.05
CA GLU A 293 2.03 31.88 -1.64
C GLU A 293 2.62 30.70 -0.84
N ASP A 294 3.70 30.97 -0.11
CA ASP A 294 4.39 29.96 0.68
C ASP A 294 3.56 29.47 1.87
N VAL A 295 2.45 30.14 2.12
CA VAL A 295 1.64 29.91 3.31
C VAL A 295 0.46 28.99 3.07
N GLY A 296 0.34 27.97 3.90
CA GLY A 296 -0.74 27.00 3.79
C GLY A 296 -1.93 27.39 4.65
N THR A 297 -3.00 26.63 4.52
CA THR A 297 -4.20 26.91 5.30
C THR A 297 -4.81 25.65 5.89
N ALA A 298 -5.49 25.81 7.02
CA ALA A 298 -6.21 24.74 7.65
C ALA A 298 -7.40 25.30 8.41
N GLY A 299 -8.53 24.62 8.37
CA GLY A 299 -9.68 25.04 9.14
C GLY A 299 -9.35 25.36 10.59
N LEU A 300 -8.53 24.51 11.21
CA LEU A 300 -8.29 24.63 12.64
C LEU A 300 -6.96 24.02 13.06
N VAL A 301 -6.23 24.72 13.91
CA VAL A 301 -5.07 24.18 14.56
C VAL A 301 -5.24 24.38 16.05
N GLU A 302 -5.22 23.29 16.83
CA GLU A 302 -5.35 23.40 18.28
C GLU A 302 -4.59 22.32 19.03
N GLU A 303 -4.22 22.64 20.26
CA GLU A 303 -3.58 21.71 21.17
C GLU A 303 -4.66 21.05 22.02
N LYS A 304 -4.83 19.74 21.85
CA LYS A 304 -5.77 18.97 22.66
C LYS A 304 -5.00 18.23 23.74
N GLU A 305 -5.65 18.03 24.88
CA GLU A 305 -5.11 17.14 25.90
C GLU A 305 -5.64 15.70 25.76
N VAL A 306 -4.77 14.78 25.36
CA VAL A 306 -5.04 13.33 25.43
C VAL A 306 -3.86 12.72 26.16
N ARG A 307 -4.11 12.15 27.34
CA ARG A 307 -3.04 11.95 28.33
C ARG A 307 -1.76 11.24 27.90
N GLY A 308 -0.74 11.44 28.72
CA GLY A 308 0.64 11.22 28.33
C GLY A 308 1.24 12.58 28.04
N GLY A 309 0.37 13.56 27.80
CA GLY A 309 0.79 14.90 27.43
C GLY A 309 -0.20 15.67 26.57
N LYS A 310 0.32 16.44 25.62
CA LYS A 310 -0.51 17.23 24.73
C LYS A 310 -0.08 17.03 23.27
N MET A 311 -1.03 17.18 22.36
CA MET A 311 -0.74 17.03 20.93
C MET A 311 -1.33 18.16 20.04
N THR A 312 -0.79 18.32 18.84
CA THR A 312 -1.29 19.35 17.94
C THR A 312 -2.18 18.81 16.81
N TYR A 313 -3.47 19.11 16.87
CA TYR A 313 -4.43 18.71 15.83
C TYR A 313 -4.59 19.77 14.70
N VAL A 314 -4.40 19.36 13.45
CA VAL A 314 -4.61 20.21 12.29
C VAL A 314 -5.75 19.64 11.45
N THR A 315 -6.97 20.14 11.66
CA THR A 315 -8.17 19.62 10.99
C THR A 315 -8.77 20.63 10.00
N GLY A 316 -9.71 20.15 9.20
CA GLY A 316 -10.35 20.97 8.18
C GLY A 316 -9.39 21.45 7.10
N CYS A 317 -8.33 20.70 6.84
CA CYS A 317 -7.24 21.16 5.98
C CYS A 317 -7.66 21.34 4.54
N GLN A 318 -6.91 22.23 3.87
CA GLN A 318 -7.12 22.67 2.50
C GLN A 318 -7.54 21.52 1.55
N ASN A 319 -6.54 20.82 1.03
CA ASN A 319 -6.78 19.67 0.16
C ASN A 319 -6.52 18.35 0.88
N SER A 320 -7.43 17.99 1.78
CA SER A 320 -7.23 16.79 2.57
C SER A 320 -8.25 15.71 2.27
N LYS A 321 -7.77 14.63 1.68
CA LYS A 321 -8.44 13.35 1.82
C LYS A 321 -7.84 12.71 3.07
N ALA A 322 -6.61 13.16 3.38
CA ALA A 322 -5.81 12.69 4.50
C ALA A 322 -6.50 12.52 5.86
N VAL A 323 -6.05 11.50 6.58
CA VAL A 323 -6.56 11.16 7.90
C VAL A 323 -5.44 10.62 8.76
N THR A 324 -5.59 10.74 10.06
CA THR A 324 -4.64 10.15 10.98
C THR A 324 -5.41 9.18 11.80
N VAL A 325 -4.90 7.96 11.91
CA VAL A 325 -5.43 6.97 12.83
C VAL A 325 -4.68 7.12 14.13
N LEU A 326 -5.36 7.55 15.19
CA LEU A 326 -4.79 7.39 16.52
C LEU A 326 -5.06 5.95 16.95
N LEU A 327 -4.05 5.11 16.82
CA LEU A 327 -4.17 3.67 17.12
C LEU A 327 -3.94 3.37 18.60
N HIS A 328 -4.93 2.76 19.24
CA HIS A 328 -4.82 2.33 20.64
C HIS A 328 -4.65 0.81 20.81
N GLY A 329 -3.89 0.42 21.84
CA GLY A 329 -3.71 -0.98 22.20
C GLY A 329 -3.54 -1.10 23.71
N GLY A 330 -3.56 -2.32 24.24
CA GLY A 330 -3.45 -2.51 25.68
C GLY A 330 -2.17 -1.90 26.25
N THR A 331 -1.05 -2.16 25.57
CA THR A 331 0.29 -1.79 26.07
C THR A 331 1.14 -1.12 25.00
N GLU A 332 2.30 -0.62 25.41
CA GLU A 332 3.32 -0.17 24.48
C GLU A 332 3.59 -1.19 23.38
N HIS A 333 3.81 -2.45 23.77
CA HIS A 333 4.26 -3.44 22.78
C HIS A 333 3.15 -3.97 21.87
N VAL A 334 1.92 -4.04 22.39
CA VAL A 334 0.76 -4.39 21.58
C VAL A 334 0.64 -3.42 20.40
N VAL A 335 0.74 -2.15 20.74
CA VAL A 335 0.53 -1.12 19.75
C VAL A 335 1.62 -1.07 18.68
N ASP A 336 2.83 -1.53 18.99
CA ASP A 336 3.87 -1.62 17.96
C ASP A 336 3.47 -2.63 16.88
N SER A 337 2.99 -3.79 17.31
CA SER A 337 2.58 -4.86 16.40
C SER A 337 1.34 -4.49 15.60
N LEU A 338 0.36 -3.89 16.27
CA LEU A 338 -0.82 -3.40 15.58
C LEU A 338 -0.42 -2.43 14.46
N ASP A 339 0.46 -1.48 14.76
CA ASP A 339 0.93 -0.58 13.72
C ASP A 339 1.51 -1.32 12.52
N HIS A 340 2.41 -2.26 12.75
CA HIS A 340 2.98 -3.03 11.63
C HIS A 340 1.85 -3.73 10.88
N ALA A 341 0.98 -4.40 11.63
CA ALA A 341 -0.12 -5.11 11.01
C ALA A 341 -0.99 -4.16 10.15
N LEU A 342 -1.55 -3.13 10.78
CA LEU A 342 -2.34 -2.11 10.08
C LEU A 342 -1.66 -1.59 8.80
N ASN A 343 -0.39 -1.25 8.89
CA ASN A 343 0.33 -0.79 7.70
C ASN A 343 0.19 -1.79 6.55
N ASP A 344 0.37 -3.07 6.83
CA ASP A 344 0.22 -4.06 5.77
C ASP A 344 -1.21 -4.13 5.24
N ALA A 345 -2.18 -4.22 6.16
CA ALA A 345 -3.57 -4.34 5.76
C ALA A 345 -4.03 -3.14 4.95
N LEU A 346 -3.66 -1.94 5.38
CA LEU A 346 -4.01 -0.72 4.65
C LEU A 346 -3.59 -0.83 3.20
N HIS A 347 -2.32 -1.19 2.98
CA HIS A 347 -1.76 -1.35 1.63
C HIS A 347 -2.48 -2.40 0.78
N VAL A 348 -2.65 -3.60 1.32
CA VAL A 348 -3.34 -4.67 0.59
C VAL A 348 -4.73 -4.21 0.16
N VAL A 349 -5.49 -3.67 1.09
CA VAL A 349 -6.82 -3.16 0.75
C VAL A 349 -6.77 -2.02 -0.28
N GLY A 350 -5.84 -1.09 -0.10
CA GLY A 350 -5.63 -0.02 -1.07
C GLY A 350 -5.40 -0.58 -2.46
N VAL A 351 -4.43 -1.48 -2.57
CA VAL A 351 -4.07 -2.05 -3.85
C VAL A 351 -5.21 -2.86 -4.48
N VAL A 352 -5.95 -3.59 -3.68
CA VAL A 352 -7.10 -4.32 -4.20
C VAL A 352 -8.15 -3.36 -4.74
N ILE A 353 -8.48 -2.32 -3.96
CA ILE A 353 -9.48 -1.35 -4.36
C ILE A 353 -9.06 -0.68 -5.67
N GLU A 354 -7.78 -0.39 -5.81
CA GLU A 354 -7.28 0.18 -7.05
C GLU A 354 -7.45 -0.79 -8.23
N ASP A 355 -6.96 -2.02 -8.10
CA ASP A 355 -7.10 -3.03 -9.14
C ASP A 355 -8.58 -3.25 -9.48
N GLY A 356 -9.44 -3.16 -8.47
CA GLY A 356 -10.85 -3.47 -8.63
C GLY A 356 -11.09 -4.97 -8.70
N LYS A 357 -10.01 -5.75 -8.60
CA LYS A 357 -10.09 -7.19 -8.74
C LYS A 357 -9.03 -7.86 -7.87
N VAL A 358 -9.34 -9.06 -7.38
CA VAL A 358 -8.36 -9.90 -6.72
C VAL A 358 -8.36 -11.28 -7.34
N VAL A 359 -7.21 -11.95 -7.19
CA VAL A 359 -7.04 -13.34 -7.59
C VAL A 359 -6.98 -14.15 -6.32
N VAL A 360 -7.33 -15.42 -6.37
CA VAL A 360 -7.08 -16.28 -5.21
C VAL A 360 -5.84 -17.10 -5.49
N GLY A 361 -5.24 -17.64 -4.42
CA GLY A 361 -3.92 -18.23 -4.50
C GLY A 361 -3.89 -19.75 -4.56
N GLY A 362 -2.80 -20.33 -4.08
CA GLY A 362 -2.65 -21.77 -4.03
C GLY A 362 -2.54 -22.44 -5.39
N GLY A 363 -2.11 -21.65 -6.37
CA GLY A 363 -1.90 -22.18 -7.71
C GLY A 363 -3.19 -22.23 -8.50
N SER A 364 -4.28 -21.80 -7.88
CA SER A 364 -5.57 -21.77 -8.57
C SER A 364 -5.51 -21.04 -9.91
N SER A 365 -4.87 -19.86 -9.96
CA SER A 365 -4.90 -19.04 -11.19
C SER A 365 -3.91 -19.54 -12.25
N GLU A 366 -2.84 -20.17 -11.83
CA GLU A 366 -1.91 -20.73 -12.79
C GLU A 366 -2.55 -21.91 -13.52
N VAL A 367 -3.24 -22.75 -12.76
CA VAL A 367 -3.95 -23.90 -13.29
C VAL A 367 -5.06 -23.48 -14.26
N GLU A 368 -5.89 -22.52 -13.85
CA GLU A 368 -6.90 -21.93 -14.74
C GLU A 368 -6.26 -21.32 -15.99
N LEU A 369 -5.26 -20.47 -15.82
CA LEU A 369 -4.55 -19.91 -16.95
C LEU A 369 -4.02 -21.00 -17.85
N SER A 370 -3.31 -21.96 -17.26
CA SER A 370 -2.71 -23.05 -18.04
C SER A 370 -3.75 -23.80 -18.84
N LEU A 371 -4.86 -24.13 -18.20
CA LEU A 371 -5.93 -24.84 -18.87
C LEU A 371 -6.49 -24.03 -20.04
N ARG A 372 -6.90 -22.79 -19.78
CA ARG A 372 -7.51 -21.97 -20.80
C ARG A 372 -6.53 -21.53 -21.86
N LEU A 373 -5.25 -21.61 -21.56
CA LEU A 373 -4.26 -21.17 -22.51
C LEU A 373 -3.84 -22.33 -23.39
N SER A 374 -4.10 -23.54 -22.91
CA SER A 374 -3.87 -24.75 -23.70
C SER A 374 -5.02 -24.94 -24.66
N GLU A 375 -6.18 -24.40 -24.29
CA GLU A 375 -7.33 -24.37 -25.18
C GLU A 375 -7.04 -23.39 -26.32
N TYR A 376 -6.52 -22.21 -25.94
CA TYR A 376 -6.13 -21.20 -26.92
C TYR A 376 -5.08 -21.78 -27.88
N ALA A 377 -4.07 -22.42 -27.32
CA ALA A 377 -3.01 -23.04 -28.11
C ALA A 377 -3.56 -23.80 -29.30
N SER A 378 -4.57 -24.64 -29.05
CA SER A 378 -5.20 -25.43 -30.11
C SER A 378 -5.76 -24.58 -31.25
N THR A 379 -6.38 -23.46 -30.91
CA THR A 379 -7.00 -22.60 -31.93
C THR A 379 -5.97 -21.74 -32.66
N LEU A 380 -4.69 -22.02 -32.42
CA LEU A 380 -3.63 -21.36 -33.16
C LEU A 380 -2.96 -22.37 -34.10
N LYS A 381 -2.09 -21.86 -34.98
CA LYS A 381 -1.42 -22.73 -35.94
C LYS A 381 0.02 -22.30 -36.21
N GLY A 382 0.81 -23.22 -36.74
CA GLY A 382 2.21 -22.96 -37.02
C GLY A 382 3.09 -23.36 -35.85
N ARG A 383 4.30 -22.81 -35.83
CA ARG A 383 5.26 -23.08 -34.75
C ARG A 383 4.89 -22.25 -33.53
N GLU A 384 4.26 -21.10 -33.76
CA GLU A 384 3.78 -20.25 -32.67
C GLU A 384 2.98 -21.09 -31.68
N GLN A 385 2.15 -21.99 -32.19
CA GLN A 385 1.31 -22.82 -31.34
C GLN A 385 2.12 -23.64 -30.33
N LEU A 386 3.20 -24.23 -30.79
CA LEU A 386 4.09 -24.98 -29.89
C LEU A 386 4.57 -24.08 -28.75
N ALA A 387 4.95 -22.85 -29.11
CA ALA A 387 5.49 -21.88 -28.17
C ALA A 387 4.48 -21.48 -27.09
N VAL A 388 3.28 -21.12 -27.53
CA VAL A 388 2.22 -20.74 -26.59
C VAL A 388 1.79 -21.93 -25.75
N SER A 389 1.74 -23.09 -26.38
CA SER A 389 1.43 -24.33 -25.69
C SER A 389 2.45 -24.55 -24.56
N LYS A 390 3.72 -24.32 -24.85
CA LYS A 390 4.77 -24.53 -23.86
C LYS A 390 4.69 -23.49 -22.74
N PHE A 391 4.22 -22.29 -23.07
CA PHE A 391 4.01 -21.27 -22.06
C PHE A 391 2.96 -21.79 -21.08
N ALA A 392 1.79 -22.12 -21.61
CA ALA A 392 0.70 -22.64 -20.79
C ALA A 392 1.15 -23.82 -19.92
N GLU A 393 2.17 -24.55 -20.35
CA GLU A 393 2.69 -25.69 -19.59
C GLU A 393 3.57 -25.24 -18.44
N ALA A 394 4.30 -24.14 -18.65
CA ALA A 394 5.24 -23.65 -17.66
C ALA A 394 4.47 -23.15 -16.43
N LEU A 395 3.29 -22.59 -16.68
CA LEU A 395 2.47 -22.04 -15.62
C LEU A 395 2.27 -23.04 -14.46
N GLU A 396 2.08 -24.31 -14.77
CA GLU A 396 1.81 -25.30 -13.74
C GLU A 396 3.02 -25.61 -12.89
N VAL A 397 4.11 -24.91 -13.14
CA VAL A 397 5.30 -25.11 -12.33
C VAL A 397 5.09 -24.47 -10.96
N ILE A 398 4.22 -23.47 -10.91
CA ILE A 398 3.91 -22.78 -9.65
C ILE A 398 3.20 -23.69 -8.66
N PRO A 399 2.07 -24.29 -9.07
CA PRO A 399 1.39 -25.23 -8.16
C PRO A 399 2.27 -26.42 -7.83
N VAL A 400 3.06 -26.89 -8.80
CA VAL A 400 3.92 -28.03 -8.57
C VAL A 400 4.99 -27.71 -7.54
N ALA A 401 5.54 -26.51 -7.61
CA ALA A 401 6.47 -26.07 -6.57
C ALA A 401 5.81 -25.96 -5.20
N LEU A 402 4.57 -25.44 -5.14
CA LEU A 402 3.87 -25.40 -3.86
C LEU A 402 3.78 -26.78 -3.22
N ALA A 403 3.37 -27.79 -4.01
CA ALA A 403 3.24 -29.15 -3.51
C ALA A 403 4.58 -29.68 -3.01
N GLU A 404 5.63 -29.49 -3.82
CA GLU A 404 6.94 -30.01 -3.48
C GLU A 404 7.48 -29.45 -2.17
N ASN A 405 7.45 -28.12 -2.01
CA ASN A 405 7.92 -27.51 -0.77
C ASN A 405 7.16 -28.01 0.45
N ALA A 406 5.83 -28.05 0.34
CA ALA A 406 5.01 -28.59 1.42
C ALA A 406 5.28 -30.08 1.62
N GLY A 407 6.27 -30.59 0.89
CA GLY A 407 6.63 -32.00 0.94
C GLY A 407 5.48 -32.92 0.58
N LEU A 408 4.75 -32.56 -0.47
CA LEU A 408 3.60 -33.33 -0.91
C LEU A 408 3.86 -33.97 -2.28
N ASP A 409 2.98 -34.89 -2.66
CA ASP A 409 3.02 -35.50 -3.99
C ASP A 409 2.43 -34.55 -5.02
N PRO A 410 3.27 -34.03 -5.91
CA PRO A 410 2.76 -33.09 -6.89
C PRO A 410 1.74 -33.75 -7.81
N ILE A 411 2.01 -34.97 -8.25
CA ILE A 411 1.11 -35.68 -9.15
C ILE A 411 -0.29 -35.75 -8.57
N ASP A 412 -0.36 -36.12 -7.30
CA ASP A 412 -1.64 -36.17 -6.60
C ASP A 412 -2.36 -34.83 -6.65
N ILE A 413 -1.64 -33.76 -6.32
CA ILE A 413 -2.22 -32.43 -6.26
C ILE A 413 -2.64 -31.90 -7.64
N MET A 414 -1.82 -32.16 -8.66
CA MET A 414 -2.08 -31.69 -10.01
C MET A 414 -3.28 -32.39 -10.65
N VAL A 415 -3.39 -33.69 -10.40
CA VAL A 415 -4.55 -34.44 -10.86
C VAL A 415 -5.80 -33.79 -10.26
N GLU A 416 -5.77 -33.59 -8.96
CA GLU A 416 -6.91 -33.05 -8.26
C GLU A 416 -7.20 -31.60 -8.68
N LEU A 417 -6.16 -30.80 -8.93
CA LEU A 417 -6.38 -29.42 -9.39
C LEU A 417 -6.97 -29.39 -10.81
N ARG A 418 -6.46 -30.23 -11.69
CA ARG A 418 -6.99 -30.30 -13.05
C ARG A 418 -8.44 -30.76 -13.05
N SER A 419 -8.74 -31.76 -12.24
CA SER A 419 -10.10 -32.28 -12.18
C SER A 419 -11.03 -31.14 -11.76
N GLN A 420 -10.75 -30.54 -10.61
CA GLN A 420 -11.60 -29.48 -10.11
C GLN A 420 -11.71 -28.28 -11.05
N HIS A 421 -10.60 -27.87 -11.65
CA HIS A 421 -10.67 -26.76 -12.60
C HIS A 421 -11.41 -27.11 -13.90
N GLU A 422 -11.09 -28.27 -14.48
CA GLU A 422 -11.81 -28.79 -15.63
C GLU A 422 -13.31 -28.79 -15.36
N LYS A 423 -13.68 -29.02 -14.10
CA LYS A 423 -15.08 -29.10 -13.72
C LYS A 423 -15.68 -27.76 -13.27
N GLY A 424 -14.90 -26.68 -13.39
CA GLY A 424 -15.44 -25.33 -13.23
C GLY A 424 -15.24 -24.63 -11.89
N ASN A 425 -14.39 -25.17 -11.03
CA ASN A 425 -14.05 -24.48 -9.79
C ASN A 425 -12.85 -23.59 -10.00
N LYS A 426 -13.09 -22.29 -10.15
CA LYS A 426 -12.02 -21.34 -10.44
C LYS A 426 -11.11 -21.16 -9.22
N ASN A 427 -11.69 -21.28 -8.03
CA ASN A 427 -10.98 -20.97 -6.79
C ASN A 427 -10.25 -22.16 -6.19
N ALA A 428 -10.21 -23.27 -6.90
CA ALA A 428 -9.57 -24.47 -6.37
C ALA A 428 -8.06 -24.37 -6.38
N GLY A 429 -7.44 -24.38 -5.21
CA GLY A 429 -6.00 -24.36 -5.10
C GLY A 429 -5.50 -25.16 -3.90
N LEU A 430 -4.18 -25.33 -3.82
CA LEU A 430 -3.59 -26.12 -2.74
C LEU A 430 -3.52 -25.33 -1.45
N ASN A 431 -4.11 -25.87 -0.39
CA ASN A 431 -3.92 -25.29 0.94
C ASN A 431 -2.67 -25.89 1.54
N VAL A 432 -1.55 -25.17 1.48
CA VAL A 432 -0.25 -25.80 1.73
C VAL A 432 -0.14 -26.50 3.10
N TYR A 433 -0.94 -26.06 4.06
CA TYR A 433 -0.87 -26.62 5.40
C TYR A 433 -1.67 -27.92 5.56
N THR A 434 -2.91 -27.92 5.08
CA THR A 434 -3.75 -29.10 5.19
C THR A 434 -3.51 -30.14 4.08
N GLY A 435 -2.57 -29.87 3.19
CA GLY A 435 -2.29 -30.76 2.09
C GLY A 435 -3.45 -31.02 1.13
N GLU A 436 -4.60 -30.38 1.38
CA GLU A 436 -5.80 -30.56 0.54
C GLU A 436 -5.98 -29.48 -0.52
N VAL A 437 -6.84 -29.77 -1.49
CA VAL A 437 -7.27 -28.79 -2.47
C VAL A 437 -8.65 -28.29 -2.12
N VAL A 438 -8.79 -26.97 -1.99
CA VAL A 438 -10.02 -26.38 -1.49
C VAL A 438 -10.29 -25.01 -2.12
N ASP A 439 -11.44 -24.41 -1.79
CA ASP A 439 -11.81 -23.08 -2.29
C ASP A 439 -10.93 -22.00 -1.66
N MET A 440 -9.93 -21.53 -2.40
CA MET A 440 -8.92 -20.65 -1.83
C MET A 440 -9.48 -19.30 -1.37
N TRP A 441 -10.64 -18.93 -1.90
CA TRP A 441 -11.35 -17.76 -1.41
C TRP A 441 -11.95 -18.04 -0.02
N GLU A 442 -12.75 -19.09 0.10
CA GLU A 442 -13.24 -19.50 1.40
C GLU A 442 -12.12 -19.61 2.43
N ASN A 443 -10.89 -19.81 1.95
CA ASN A 443 -9.75 -20.05 2.83
C ASN A 443 -8.75 -18.89 2.94
N ASP A 444 -9.21 -17.71 2.55
CA ASP A 444 -8.48 -16.46 2.81
C ASP A 444 -7.05 -16.46 2.25
N VAL A 445 -6.89 -17.01 1.06
CA VAL A 445 -5.61 -16.92 0.38
C VAL A 445 -5.77 -16.05 -0.85
N ILE A 446 -5.74 -14.74 -0.64
CA ILE A 446 -5.93 -13.77 -1.72
C ILE A 446 -4.61 -13.16 -2.21
N GLU A 447 -4.52 -12.95 -3.52
CA GLU A 447 -3.39 -12.27 -4.13
C GLU A 447 -3.89 -11.14 -5.03
N PRO A 448 -3.20 -10.00 -5.01
CA PRO A 448 -3.67 -8.86 -5.80
C PRO A 448 -3.45 -9.12 -7.28
N LEU A 449 -4.40 -8.74 -8.12
CA LEU A 449 -4.23 -8.89 -9.57
C LEU A 449 -2.90 -8.31 -10.07
N ARG A 450 -2.55 -7.10 -9.64
CA ARG A 450 -1.36 -6.44 -10.19
C ARG A 450 -0.08 -7.25 -9.96
N ILE A 451 0.04 -7.93 -8.83
CA ILE A 451 1.20 -8.76 -8.59
C ILE A 451 1.18 -9.96 -9.56
N LYS A 452 0.04 -10.62 -9.68
CA LYS A 452 -0.03 -11.76 -10.55
C LYS A 452 0.36 -11.39 -12.01
N THR A 453 -0.10 -10.24 -12.52
CA THR A 453 0.22 -9.86 -13.89
C THR A 453 1.63 -9.30 -14.02
N GLN A 454 2.12 -8.65 -12.96
CA GLN A 454 3.48 -8.16 -13.01
C GLN A 454 4.46 -9.35 -13.08
N ALA A 455 4.20 -10.37 -12.28
CA ALA A 455 5.08 -11.53 -12.25
C ALA A 455 5.09 -12.26 -13.61
N ILE A 456 3.91 -12.49 -14.18
CA ILE A 456 3.85 -13.15 -15.48
C ILE A 456 4.56 -12.36 -16.57
N ASN A 457 4.27 -11.07 -16.65
CA ASN A 457 4.94 -10.21 -17.64
C ASN A 457 6.46 -10.11 -17.43
N ALA A 458 6.90 -10.11 -16.17
CA ALA A 458 8.33 -10.03 -15.92
C ALA A 458 9.03 -11.34 -16.31
N ALA A 459 8.43 -12.47 -15.99
CA ALA A 459 9.01 -13.73 -16.39
C ALA A 459 9.15 -13.78 -17.90
N MET A 460 8.09 -13.39 -18.59
CA MET A 460 8.11 -13.34 -20.04
C MET A 460 9.17 -12.37 -20.59
N GLU A 461 9.21 -11.14 -20.09
CA GLU A 461 10.17 -10.14 -20.54
C GLU A 461 11.62 -10.53 -20.27
N ALA A 462 11.86 -11.24 -19.18
CA ALA A 462 13.19 -11.68 -18.81
C ALA A 462 13.64 -12.82 -19.70
N THR A 463 12.70 -13.71 -20.01
CA THR A 463 12.98 -14.87 -20.83
C THR A 463 13.25 -14.42 -22.25
N VAL A 464 12.38 -13.56 -22.74
CA VAL A 464 12.50 -13.04 -24.10
C VAL A 464 13.76 -12.20 -24.26
N MET A 465 14.10 -11.43 -23.24
CA MET A 465 15.29 -10.61 -23.33
C MET A 465 16.53 -11.49 -23.47
N ILE A 466 16.52 -12.63 -22.79
CA ILE A 466 17.61 -13.58 -22.83
C ILE A 466 17.67 -14.36 -24.16
N LEU A 467 16.52 -14.62 -24.77
CA LEU A 467 16.46 -15.35 -26.03
C LEU A 467 16.93 -14.50 -27.22
N ARG A 468 16.52 -13.25 -27.23
CA ARG A 468 16.76 -12.39 -28.37
C ARG A 468 18.05 -11.62 -28.18
N ILE A 469 19.15 -12.31 -28.43
CA ILE A 469 20.48 -11.77 -28.26
C ILE A 469 21.33 -11.99 -29.52
#